data_4G9N
#
_entry.id   4G9N
#
_cell.length_a   130.583
_cell.length_b   61.251
_cell.length_c   32.839
_cell.angle_alpha   90.00
_cell.angle_beta   93.45
_cell.angle_gamma   90.00
#
_symmetry.space_group_name_H-M   'C 1 2 1'
#
loop_
_entity.id
_entity.type
_entity.pdbx_description
1 polymer agglutinin
2 non-polymer 2-acetamido-2-deoxy-beta-D-galactopyranose
3 water water
#
_entity_poly.entity_id   1
_entity_poly.type   'polypeptide(L)'
_entity_poly.pdbx_seq_one_letter_code
;APISLPAGTYTLKNVSTGTVLDLWRGEAAEGTAIQGYKSHGGDNQKWRLKWTGKGNQVTLQNVKSGTYVGTASNIQNSVN
VVGSTTAVPLDIVAADKGFAIEAADHRLFVLDLKESNPANETPVIYYNNNATDNQKWKFIDEK
;
_entity_poly.pdbx_strand_id   A,B
#
loop_
_chem_comp.id
_chem_comp.type
_chem_comp.name
_chem_comp.formula
NGA D-saccharide, beta linking 2-acetamido-2-deoxy-beta-D-galactopyranose 'C8 H15 N O6'
#
# COMPACT_ATOMS: atom_id res chain seq x y z
N ALA A 1 6.62 3.35 -16.39
CA ALA A 1 7.38 2.21 -15.89
C ALA A 1 6.63 1.57 -14.71
N PRO A 2 6.77 0.23 -14.56
CA PRO A 2 6.02 -0.55 -13.56
C PRO A 2 6.51 -0.37 -12.13
N ILE A 3 5.84 0.49 -11.37
CA ILE A 3 6.23 0.73 -10.00
C ILE A 3 5.90 -0.45 -9.09
N SER A 4 6.95 -1.09 -8.59
CA SER A 4 6.79 -2.19 -7.65
C SER A 4 7.55 -1.93 -6.36
N LEU A 5 7.06 -2.52 -5.27
CA LEU A 5 7.78 -2.52 -4.01
C LEU A 5 8.17 -3.98 -3.75
N PRO A 6 9.34 -4.41 -4.25
CA PRO A 6 9.66 -5.82 -4.13
C PRO A 6 10.22 -6.13 -2.77
N ALA A 7 10.14 -7.40 -2.38
CA ALA A 7 10.86 -7.88 -1.21
C ALA A 7 12.29 -7.49 -1.48
N GLY A 8 12.96 -6.98 -0.45
CA GLY A 8 14.29 -6.43 -0.62
C GLY A 8 14.73 -5.74 0.66
N THR A 9 15.91 -5.15 0.61
CA THR A 9 16.49 -4.45 1.74
C THR A 9 16.30 -2.95 1.53
N TYR A 10 15.81 -2.27 2.56
CA TYR A 10 15.38 -0.89 2.41
C TYR A 10 15.92 0.05 3.49
N THR A 11 16.16 1.29 3.10
CA THR A 11 16.23 2.37 4.07
C THR A 11 14.82 2.97 4.10
N LEU A 12 14.31 3.22 5.30
CA LEU A 12 13.00 3.84 5.47
C LEU A 12 13.16 5.26 6.05
N LYS A 13 12.89 6.25 5.22
CA LYS A 13 13.07 7.65 5.60
C LYS A 13 11.74 8.33 5.87
N ASN A 14 11.55 8.78 7.11
CA ASN A 14 10.34 9.50 7.49
C ASN A 14 10.12 10.72 6.60
N VAL A 15 8.92 10.86 6.06
CA VAL A 15 8.59 11.97 5.18
C VAL A 15 8.74 13.34 5.85
N SER A 16 8.30 13.46 7.09
CA SER A 16 8.33 14.75 7.77
CA SER A 16 8.33 14.75 7.78
C SER A 16 9.75 15.18 8.12
N THR A 17 10.46 14.34 8.86
CA THR A 17 11.77 14.72 9.40
C THR A 17 12.92 14.51 8.43
N GLY A 18 12.85 13.48 7.60
CA GLY A 18 13.97 13.14 6.77
C GLY A 18 14.97 12.27 7.50
N THR A 19 14.67 11.95 8.75
CA THR A 19 15.49 10.99 9.49
C THR A 19 14.98 9.58 9.18
N VAL A 20 15.83 8.58 9.40
CA VAL A 20 15.47 7.22 8.99
C VAL A 20 15.19 6.27 10.15
N LEU A 21 14.50 5.17 9.84
CA LEU A 21 14.21 4.13 10.82
C LEU A 21 15.50 3.45 11.30
N ASP A 22 15.71 3.46 12.60
CA ASP A 22 17.00 3.14 13.20
C ASP A 22 16.79 2.24 14.39
N LEU A 23 17.48 1.10 14.41
CA LEU A 23 17.45 0.23 15.58
C LEU A 23 18.66 0.55 16.44
N TRP A 24 18.41 0.88 17.70
CA TRP A 24 19.44 1.37 18.60
C TRP A 24 20.67 0.45 18.63
N ARG A 25 21.78 0.97 18.10
CA ARG A 25 23.04 0.22 17.97
C ARG A 25 22.93 -1.14 17.29
N GLY A 26 21.86 -1.37 16.54
CA GLY A 26 21.66 -2.64 15.89
C GLY A 26 21.68 -3.80 16.88
N GLU A 27 21.26 -3.51 18.12
CA GLU A 27 21.26 -4.50 19.21
C GLU A 27 20.12 -5.53 19.08
N ALA A 28 20.46 -6.81 19.26
CA ALA A 28 19.51 -7.90 19.02
C ALA A 28 18.63 -8.26 20.22
N ALA A 29 18.91 -7.65 21.37
CA ALA A 29 18.13 -7.96 22.57
C ALA A 29 16.67 -7.56 22.39
N GLU A 30 15.76 -8.39 22.88
CA GLU A 30 14.32 -8.10 22.87
C GLU A 30 14.08 -6.72 23.46
N GLY A 31 13.26 -5.91 22.79
CA GLY A 31 12.86 -4.66 23.38
C GLY A 31 13.79 -3.49 23.08
N THR A 32 14.77 -3.72 22.19
CA THR A 32 15.67 -2.65 21.80
C THR A 32 14.89 -1.57 21.07
N ALA A 33 15.21 -0.31 21.37
CA ALA A 33 14.51 0.83 20.80
C ALA A 33 14.61 0.94 19.28
N ILE A 34 13.47 1.22 18.67
CA ILE A 34 13.42 1.65 17.28
C ILE A 34 13.04 3.13 17.24
N GLN A 35 13.76 3.88 16.41
CA GLN A 35 13.79 5.33 16.55
C GLN A 35 14.10 6.03 15.22
N GLY A 36 13.96 7.35 15.21
CA GLY A 36 14.44 8.15 14.09
C GLY A 36 15.88 8.54 14.34
N TYR A 37 16.68 8.62 13.27
CA TYR A 37 18.09 8.94 13.40
C TYR A 37 18.61 9.43 12.05
N LYS A 38 19.59 10.34 12.06
CA LYS A 38 20.22 10.80 10.83
C LYS A 38 20.81 9.63 10.04
N SER A 39 20.60 9.65 8.73
CA SER A 39 20.99 8.57 7.85
C SER A 39 22.51 8.45 7.72
N HIS A 40 23.07 7.33 8.18
CA HIS A 40 24.51 7.11 8.00
C HIS A 40 24.86 5.90 7.15
N GLY A 41 23.85 5.21 6.63
CA GLY A 41 24.07 4.10 5.73
C GLY A 41 24.42 2.75 6.36
N GLY A 42 24.53 2.71 7.69
CA GLY A 42 24.87 1.48 8.39
C GLY A 42 23.73 0.46 8.37
N ASP A 43 24.08 -0.80 8.58
CA ASP A 43 23.09 -1.88 8.52
C ASP A 43 21.97 -1.81 9.57
N ASN A 44 22.21 -1.11 10.67
CA ASN A 44 21.16 -0.93 11.66
C ASN A 44 20.08 0.06 11.16
N GLN A 45 20.33 0.68 10.01
CA GLN A 45 19.34 1.54 9.38
C GLN A 45 18.81 0.92 8.08
N LYS A 46 18.93 -0.40 7.98
CA LYS A 46 18.42 -1.13 6.83
C LYS A 46 17.49 -2.26 7.25
N TRP A 47 16.44 -2.45 6.45
CA TRP A 47 15.33 -3.32 6.83
C TRP A 47 14.93 -4.23 5.69
N ARG A 48 14.82 -5.53 5.98
CA ARG A 48 14.34 -6.47 4.99
C ARG A 48 12.81 -6.51 4.96
N LEU A 49 12.26 -6.36 3.76
CA LEU A 49 10.82 -6.42 3.56
C LEU A 49 10.46 -7.80 3.02
N LYS A 50 9.52 -8.46 3.65
CA LYS A 50 9.11 -9.81 3.25
C LYS A 50 7.62 -10.05 3.51
N TRP A 51 6.94 -10.68 2.56
CA TRP A 51 5.55 -11.09 2.73
C TRP A 51 5.48 -12.39 3.54
N THR A 52 4.52 -12.46 4.46
CA THR A 52 4.42 -13.59 5.38
C THR A 52 3.67 -14.77 4.76
N GLY A 53 2.90 -14.51 3.70
CA GLY A 53 2.06 -15.54 3.11
C GLY A 53 0.63 -15.50 3.62
N LYS A 54 0.35 -14.59 4.55
CA LYS A 54 -1.02 -14.35 4.96
C LYS A 54 -1.53 -13.02 4.42
N GLY A 55 -2.46 -13.09 3.46
CA GLY A 55 -2.98 -11.90 2.83
C GLY A 55 -1.85 -11.10 2.19
N ASN A 56 -1.88 -9.79 2.35
CA ASN A 56 -0.79 -8.94 1.87
C ASN A 56 0.12 -8.49 3.02
N GLN A 57 0.12 -9.25 4.11
CA GLN A 57 0.89 -8.88 5.29
C GLN A 57 2.38 -9.12 5.10
N VAL A 58 3.18 -8.22 5.67
CA VAL A 58 4.63 -8.30 5.57
C VAL A 58 5.23 -8.17 6.96
N THR A 59 6.55 -8.37 7.06
CA THR A 59 7.28 -8.01 8.25
C THR A 59 8.50 -7.21 7.83
N LEU A 60 9.06 -6.47 8.78
CA LEU A 60 10.28 -5.71 8.54
C LEU A 60 11.33 -6.17 9.52
N GLN A 61 12.47 -6.61 8.98
CA GLN A 61 13.55 -7.20 9.74
C GLN A 61 14.81 -6.37 9.64
N ASN A 62 15.38 -5.99 10.78
CA ASN A 62 16.63 -5.24 10.77
C ASN A 62 17.81 -6.05 10.27
N VAL A 63 18.52 -5.53 9.28
CA VAL A 63 19.65 -6.23 8.69
C VAL A 63 20.72 -6.52 9.73
N LYS A 64 21.09 -5.51 10.49
CA LYS A 64 22.10 -5.64 11.53
C LYS A 64 21.74 -6.68 12.62
N SER A 65 20.63 -6.47 13.31
CA SER A 65 20.27 -7.34 14.43
C SER A 65 19.63 -8.68 14.04
N GLY A 66 18.94 -8.71 12.90
CA GLY A 66 18.15 -9.88 12.56
C GLY A 66 16.83 -9.92 13.31
N THR A 67 16.56 -8.90 14.12
CA THR A 67 15.28 -8.84 14.83
C THR A 67 14.29 -7.98 14.06
N TYR A 68 13.02 -8.05 14.47
CA TYR A 68 11.96 -7.47 13.67
C TYR A 68 11.34 -6.26 14.33
N VAL A 69 10.74 -5.41 13.51
CA VAL A 69 9.76 -4.44 14.01
C VAL A 69 8.73 -5.19 14.83
N GLY A 70 8.66 -4.84 16.11
CA GLY A 70 7.76 -5.51 17.03
C GLY A 70 7.20 -4.58 18.11
N THR A 71 6.84 -5.18 19.24
CA THR A 71 6.23 -4.45 20.35
C THR A 71 6.52 -5.14 21.68
N ALA A 72 6.50 -4.38 22.77
CA ALA A 72 6.70 -4.95 24.10
C ALA A 72 5.39 -5.10 24.87
N SER A 73 4.30 -4.57 24.31
CA SER A 73 2.96 -4.72 24.87
C SER A 73 1.93 -4.50 23.77
N ASN A 74 0.66 -4.79 24.05
CA ASN A 74 -0.34 -4.72 23.00
C ASN A 74 -0.55 -3.32 22.46
N ILE A 75 -0.77 -3.26 21.15
CA ILE A 75 -0.71 -2.02 20.39
C ILE A 75 -1.88 -1.08 20.68
N GLN A 76 -1.52 0.13 21.09
CA GLN A 76 -2.46 1.25 21.20
C GLN A 76 -1.61 2.50 21.04
N ASN A 77 -2.21 3.67 21.25
CA ASN A 77 -1.46 4.90 21.05
C ASN A 77 -0.23 5.01 21.94
N SER A 78 0.88 5.44 21.35
CA SER A 78 2.11 5.77 22.08
C SER A 78 2.87 4.57 22.60
N VAL A 79 2.37 3.36 22.31
CA VAL A 79 3.15 2.16 22.52
C VAL A 79 4.37 2.20 21.60
N ASN A 80 5.55 1.95 22.15
CA ASN A 80 6.80 2.07 21.40
C ASN A 80 7.06 0.93 20.46
N VAL A 81 7.58 1.28 19.28
CA VAL A 81 7.99 0.25 18.34
C VAL A 81 9.38 -0.20 18.78
N VAL A 82 9.55 -1.51 18.95
CA VAL A 82 10.83 -2.06 19.39
C VAL A 82 11.24 -3.31 18.59
N GLY A 83 12.56 -3.58 18.60
CA GLY A 83 13.11 -4.75 17.93
C GLY A 83 12.75 -6.02 18.67
N SER A 84 12.33 -7.04 17.93
CA SER A 84 11.83 -8.25 18.59
C SER A 84 12.02 -9.49 17.75
N THR A 85 12.19 -10.62 18.44
CA THR A 85 12.23 -11.94 17.84
C THR A 85 10.87 -12.26 17.20
N THR A 86 9.82 -11.70 17.77
CA THR A 86 8.48 -11.91 17.25
C THR A 86 8.04 -10.68 16.46
N ALA A 87 7.85 -10.88 15.15
CA ALA A 87 7.49 -9.77 14.29
C ALA A 87 6.03 -9.37 14.46
N VAL A 88 5.78 -8.07 14.42
CA VAL A 88 4.41 -7.59 14.30
C VAL A 88 4.09 -7.57 12.82
N PRO A 89 3.01 -8.28 12.41
CA PRO A 89 2.69 -8.27 10.97
C PRO A 89 2.22 -6.89 10.55
N LEU A 90 2.59 -6.49 9.34
CA LEU A 90 2.34 -5.12 8.89
C LEU A 90 1.63 -5.07 7.54
N ASP A 91 1.03 -3.93 7.24
CA ASP A 91 0.50 -3.65 5.91
C ASP A 91 1.19 -2.40 5.38
N ILE A 92 1.63 -2.43 4.12
CA ILE A 92 2.24 -1.26 3.50
C ILE A 92 1.22 -0.55 2.59
N VAL A 93 0.78 0.63 3.00
CA VAL A 93 -0.32 1.30 2.31
C VAL A 93 0.19 2.57 1.64
N ALA A 94 -0.12 2.73 0.35
CA ALA A 94 0.36 3.88 -0.41
C ALA A 94 -0.25 5.16 0.11
N ALA A 95 0.60 6.13 0.40
CA ALA A 95 0.19 7.42 0.93
C ALA A 95 0.52 8.55 -0.06
N ASP A 96 -0.03 9.73 0.16
CA ASP A 96 0.14 10.85 -0.75
C ASP A 96 1.63 11.21 -0.89
N LYS A 97 2.39 10.92 0.16
CA LYS A 97 3.85 10.92 0.12
C LYS A 97 4.32 9.65 0.83
N GLY A 98 5.23 8.91 0.21
CA GLY A 98 5.72 7.68 0.78
C GLY A 98 4.62 6.66 1.06
N PHE A 99 4.83 5.82 2.07
CA PHE A 99 3.89 4.79 2.45
C PHE A 99 3.58 4.85 3.94
N ALA A 100 2.35 4.53 4.30
CA ALA A 100 2.02 4.25 5.70
C ALA A 100 2.27 2.78 6.04
N ILE A 101 2.70 2.55 7.27
CA ILE A 101 2.99 1.21 7.76
C ILE A 101 2.03 0.85 8.90
N GLU A 102 0.95 0.13 8.57
CA GLU A 102 -0.07 -0.19 9.56
C GLU A 102 0.28 -1.48 10.25
N ALA A 103 -0.17 -1.61 11.50
CA ALA A 103 -0.15 -2.91 12.17
C ALA A 103 -1.27 -3.73 11.55
N ALA A 104 -0.90 -4.87 10.98
CA ALA A 104 -1.82 -5.69 10.19
C ALA A 104 -3.04 -6.18 10.97
N ASP A 105 -2.86 -6.44 12.26
CA ASP A 105 -3.96 -6.89 13.09
C ASP A 105 -4.54 -5.77 13.95
N HIS A 106 -4.06 -4.54 13.73
CA HIS A 106 -4.52 -3.37 14.46
C HIS A 106 -4.39 -2.16 13.54
N ARG A 107 -5.14 -2.23 12.44
CA ARG A 107 -4.96 -1.34 11.30
C ARG A 107 -5.10 0.18 11.58
N LEU A 108 -5.77 0.54 12.67
CA LEU A 108 -5.87 1.96 13.01
C LEU A 108 -4.50 2.56 13.36
N PHE A 109 -3.56 1.70 13.74
CA PHE A 109 -2.27 2.15 14.23
C PHE A 109 -1.18 1.96 13.19
N VAL A 110 -0.38 3.01 13.02
CA VAL A 110 0.71 2.99 12.06
C VAL A 110 2.01 3.35 12.77
N LEU A 111 3.14 3.03 12.15
CA LEU A 111 4.43 3.47 12.66
C LEU A 111 4.51 4.99 12.56
N ASP A 112 4.88 5.64 13.65
CA ASP A 112 4.73 7.07 13.83
C ASP A 112 6.00 7.63 14.45
N LEU A 113 6.62 8.62 13.82
CA LEU A 113 7.80 9.25 14.43
C LEU A 113 7.34 10.34 15.40
N LYS A 114 7.50 10.08 16.69
CA LYS A 114 6.85 10.87 17.74
C LYS A 114 7.03 12.37 17.60
N GLU A 115 5.90 13.07 17.57
CA GLU A 115 5.86 14.53 17.52
C GLU A 115 6.61 15.13 16.34
N SER A 116 6.77 14.36 15.27
CA SER A 116 7.47 14.81 14.06
C SER A 116 8.84 15.37 14.38
N ASN A 117 9.46 14.79 15.40
CA ASN A 117 10.70 15.31 15.95
C ASN A 117 11.89 14.72 15.17
N PRO A 118 12.67 15.60 14.53
CA PRO A 118 13.81 15.18 13.71
C PRO A 118 15.09 14.97 14.52
N ALA A 119 14.99 15.07 15.85
CA ALA A 119 16.16 14.82 16.68
C ALA A 119 16.55 13.34 16.65
N ASN A 120 17.86 13.08 16.71
CA ASN A 120 18.35 11.72 16.85
C ASN A 120 17.76 11.06 18.08
N GLU A 121 17.37 9.79 17.91
CA GLU A 121 16.84 8.95 18.97
C GLU A 121 15.41 9.31 19.38
N THR A 122 14.72 10.05 18.51
CA THR A 122 13.29 10.25 18.66
C THR A 122 12.62 8.89 18.47
N PRO A 123 11.81 8.46 19.44
CA PRO A 123 11.19 7.15 19.37
C PRO A 123 10.10 7.01 18.29
N VAL A 124 10.08 5.87 17.61
CA VAL A 124 8.98 5.52 16.73
C VAL A 124 7.94 4.77 17.55
N ILE A 125 6.68 5.15 17.42
CA ILE A 125 5.62 4.58 18.26
C ILE A 125 4.47 4.11 17.39
N TYR A 126 3.62 3.26 17.96
CA TYR A 126 2.33 2.92 17.35
C TYR A 126 1.31 4.01 17.65
N TYR A 127 0.68 4.56 16.61
CA TYR A 127 -0.25 5.64 16.81
C TYR A 127 -1.42 5.64 15.82
N ASN A 128 -2.58 6.09 16.30
CA ASN A 128 -3.72 6.49 15.47
C ASN A 128 -3.33 7.05 14.12
N ASN A 129 -3.74 6.40 13.05
CA ASN A 129 -3.44 6.90 11.72
C ASN A 129 -4.20 8.19 11.40
N ASN A 130 -3.49 9.31 11.39
CA ASN A 130 -4.06 10.59 11.00
C ASN A 130 -3.61 10.99 9.61
N ALA A 131 -2.81 10.15 8.98
CA ALA A 131 -2.16 10.47 7.70
C ALA A 131 -1.41 11.81 7.75
N THR A 132 -0.71 12.03 8.86
CA THR A 132 0.22 13.14 8.93
C THR A 132 1.57 12.66 8.41
N ASP A 133 2.43 13.60 7.99
CA ASP A 133 3.67 13.27 7.32
C ASP A 133 4.68 12.51 8.20
N ASN A 134 4.55 12.61 9.53
CA ASN A 134 5.44 11.85 10.41
C ASN A 134 5.00 10.39 10.49
N GLN A 135 3.89 10.10 9.81
CA GLN A 135 3.32 8.76 9.75
C GLN A 135 3.42 8.20 8.34
N LYS A 136 4.32 8.77 7.55
CA LYS A 136 4.58 8.30 6.20
C LYS A 136 6.06 8.06 6.02
N TRP A 137 6.40 7.02 5.27
CA TRP A 137 7.77 6.55 5.15
C TRP A 137 8.15 6.33 3.69
N LYS A 138 9.28 6.90 3.30
CA LYS A 138 9.82 6.71 1.96
C LYS A 138 10.61 5.42 1.90
N PHE A 139 10.34 4.58 0.91
CA PHE A 139 11.04 3.30 0.77
C PHE A 139 12.19 3.39 -0.23
N ILE A 140 13.41 3.35 0.28
CA ILE A 140 14.59 3.44 -0.56
C ILE A 140 15.22 2.06 -0.74
N ASP A 141 15.03 1.48 -1.92
CA ASP A 141 15.51 0.14 -2.25
C ASP A 141 17.02 0.12 -2.42
N GLU A 142 17.66 -0.89 -1.84
CA GLU A 142 19.06 -1.21 -2.15
C GLU A 142 19.19 -2.67 -2.59
N ALA B 1 14.75 3.37 -4.37
CA ALA B 1 15.81 4.37 -4.42
C ALA B 1 15.45 5.78 -4.96
N PRO B 2 14.42 6.44 -4.40
CA PRO B 2 13.33 5.94 -3.55
C PRO B 2 12.32 5.26 -4.45
N ILE B 3 11.42 4.47 -3.87
CA ILE B 3 10.31 3.93 -4.62
C ILE B 3 9.05 4.62 -4.17
N SER B 4 8.36 5.26 -5.09
CA SER B 4 7.13 5.95 -4.75
C SER B 4 6.04 5.59 -5.75
N LEU B 5 4.81 5.64 -5.27
CA LEU B 5 3.65 5.51 -6.14
C LEU B 5 2.95 6.87 -6.14
N PRO B 6 3.38 7.78 -7.02
CA PRO B 6 2.87 9.15 -6.99
C PRO B 6 1.48 9.20 -7.58
N ALA B 7 0.72 10.23 -7.23
CA ALA B 7 -0.52 10.50 -7.93
C ALA B 7 -0.17 10.73 -9.40
N GLY B 8 -0.97 10.19 -10.30
CA GLY B 8 -0.66 10.22 -11.71
C GLY B 8 -1.57 9.27 -12.45
N THR B 9 -1.27 9.08 -13.73
CA THR B 9 -2.08 8.26 -14.62
C THR B 9 -1.41 6.92 -14.83
N TYR B 10 -2.18 5.86 -14.66
CA TYR B 10 -1.61 4.52 -14.64
C TYR B 10 -2.28 3.56 -15.61
N THR B 11 -1.49 2.69 -16.20
CA THR B 11 -2.04 1.46 -16.73
C THR B 11 -2.08 0.46 -15.56
N LEU B 12 -3.19 -0.24 -15.39
CA LEU B 12 -3.35 -1.19 -14.29
C LEU B 12 -3.45 -2.61 -14.80
N LYS B 13 -2.40 -3.39 -14.59
CA LYS B 13 -2.32 -4.67 -15.25
C LYS B 13 -2.46 -5.81 -14.27
N ASN B 14 -3.41 -6.71 -14.53
CA ASN B 14 -3.63 -7.82 -13.60
C ASN B 14 -2.44 -8.78 -13.56
N VAL B 15 -1.97 -9.04 -12.35
CA VAL B 15 -0.84 -9.90 -12.10
C VAL B 15 -1.06 -11.28 -12.69
N SER B 16 -2.29 -11.78 -12.56
CA SER B 16 -2.59 -13.14 -12.98
C SER B 16 -2.66 -13.35 -14.49
N THR B 17 -3.26 -12.39 -15.20
CA THR B 17 -3.58 -12.61 -16.62
C THR B 17 -2.75 -11.79 -17.60
N GLY B 18 -2.16 -10.71 -17.13
CA GLY B 18 -1.49 -9.80 -18.02
C GLY B 18 -2.47 -8.91 -18.77
N THR B 19 -3.76 -9.03 -18.45
CA THR B 19 -4.75 -8.13 -19.03
C THR B 19 -4.92 -6.91 -18.12
N VAL B 20 -5.50 -5.84 -18.67
CA VAL B 20 -5.50 -4.56 -17.94
C VAL B 20 -6.90 -4.08 -17.56
N LEU B 21 -6.97 -3.19 -16.59
CA LEU B 21 -8.26 -2.69 -16.13
C LEU B 21 -8.87 -1.80 -17.22
N ASP B 22 -10.09 -2.11 -17.62
CA ASP B 22 -10.67 -1.57 -18.84
C ASP B 22 -12.11 -1.07 -18.58
N LEU B 23 -12.38 0.18 -18.92
CA LEU B 23 -13.77 0.68 -18.87
C LEU B 23 -14.48 0.39 -20.19
N TRP B 24 -15.49 -0.45 -20.14
CA TRP B 24 -16.28 -0.83 -21.33
C TRP B 24 -16.58 0.35 -22.29
N ARG B 25 -15.94 0.30 -23.46
CA ARG B 25 -16.02 1.33 -24.52
C ARG B 25 -15.73 2.77 -24.06
N GLY B 26 -15.09 2.90 -22.89
CA GLY B 26 -14.81 4.21 -22.31
C GLY B 26 -16.03 5.08 -22.01
N GLU B 27 -17.18 4.46 -21.83
CA GLU B 27 -18.43 5.21 -21.67
C GLU B 27 -18.68 5.78 -20.27
N ALA B 28 -19.28 6.96 -20.23
CA ALA B 28 -19.46 7.72 -19.01
C ALA B 28 -20.74 7.35 -18.26
N ALA B 29 -21.65 6.67 -18.95
CA ALA B 29 -22.91 6.26 -18.33
C ALA B 29 -22.65 5.57 -17.00
N GLU B 30 -23.47 5.90 -16.02
CA GLU B 30 -23.46 5.28 -14.72
C GLU B 30 -23.60 3.77 -14.88
N GLY B 31 -22.75 3.01 -14.21
CA GLY B 31 -22.88 1.57 -14.23
C GLY B 31 -22.13 0.86 -15.34
N THR B 32 -21.41 1.61 -16.17
CA THR B 32 -20.60 1.02 -17.25
C THR B 32 -19.64 -0.02 -16.67
N ALA B 33 -19.62 -1.22 -17.26
CA ALA B 33 -18.80 -2.31 -16.74
C ALA B 33 -17.32 -1.99 -16.78
N ILE B 34 -16.63 -2.32 -15.70
CA ILE B 34 -15.19 -2.29 -15.65
C ILE B 34 -14.71 -3.74 -15.68
N GLN B 35 -13.73 -4.04 -16.53
CA GLN B 35 -13.43 -5.40 -16.91
C GLN B 35 -11.94 -5.59 -17.22
N GLY B 36 -11.51 -6.84 -17.35
CA GLY B 36 -10.20 -7.14 -17.87
C GLY B 36 -10.24 -7.18 -19.39
N TYR B 37 -9.17 -6.72 -20.03
CA TYR B 37 -9.13 -6.65 -21.50
C TYR B 37 -7.68 -6.62 -21.96
N LYS B 38 -7.44 -7.05 -23.20
CA LYS B 38 -6.10 -7.03 -23.75
C LYS B 38 -5.62 -5.57 -23.84
N SER B 39 -4.38 -5.32 -23.43
CA SER B 39 -3.86 -3.95 -23.40
C SER B 39 -3.69 -3.37 -24.81
N HIS B 40 -4.22 -2.17 -25.03
CA HIS B 40 -4.02 -1.49 -26.31
C HIS B 40 -3.58 -0.04 -26.16
N GLY B 41 -3.44 0.44 -24.93
CA GLY B 41 -2.90 1.77 -24.70
C GLY B 41 -3.91 2.89 -24.78
N GLY B 42 -5.16 2.57 -25.06
CA GLY B 42 -6.19 3.58 -25.18
C GLY B 42 -6.58 4.23 -23.86
N ASP B 43 -7.14 5.44 -23.93
CA ASP B 43 -7.49 6.20 -22.73
C ASP B 43 -8.50 5.50 -21.83
N ASN B 44 -9.38 4.68 -22.40
CA ASN B 44 -10.29 3.90 -21.56
C ASN B 44 -9.58 2.82 -20.75
N GLN B 45 -8.28 2.67 -20.98
CA GLN B 45 -7.45 1.74 -20.20
C GLN B 45 -6.43 2.47 -19.34
N LYS B 46 -6.62 3.78 -19.19
CA LYS B 46 -5.78 4.61 -18.34
C LYS B 46 -6.59 5.12 -17.15
N TRP B 47 -5.95 5.19 -15.98
CA TRP B 47 -6.64 5.52 -14.75
C TRP B 47 -5.83 6.51 -13.94
N ARG B 48 -6.49 7.56 -13.46
CA ARG B 48 -5.81 8.57 -12.66
C ARG B 48 -5.91 8.23 -11.17
N LEU B 49 -4.75 8.09 -10.52
CA LEU B 49 -4.66 7.81 -9.09
C LEU B 49 -4.54 9.13 -8.35
N LYS B 50 -5.46 9.39 -7.42
CA LYS B 50 -5.45 10.67 -6.70
C LYS B 50 -5.84 10.47 -5.24
N TRP B 51 -5.11 11.12 -4.34
CA TRP B 51 -5.46 11.04 -2.93
C TRP B 51 -6.58 12.04 -2.64
N THR B 52 -7.51 11.63 -1.79
CA THR B 52 -8.67 12.46 -1.49
C THR B 52 -8.46 13.46 -0.34
N GLY B 53 -7.48 13.18 0.53
CA GLY B 53 -7.30 14.00 1.72
C GLY B 53 -7.95 13.40 2.95
N LYS B 54 -8.57 12.25 2.78
CA LYS B 54 -9.09 11.49 3.91
C LYS B 54 -8.20 10.28 4.15
N GLY B 55 -7.39 10.34 5.20
CA GLY B 55 -6.43 9.26 5.46
C GLY B 55 -5.55 9.02 4.25
N ASN B 56 -5.31 7.75 3.93
CA ASN B 56 -4.50 7.36 2.78
C ASN B 56 -5.40 6.97 1.61
N GLN B 57 -6.67 7.32 1.70
CA GLN B 57 -7.65 6.92 0.70
C GLN B 57 -7.45 7.62 -0.62
N VAL B 58 -7.72 6.90 -1.71
CA VAL B 58 -7.56 7.43 -3.05
C VAL B 58 -8.80 7.16 -3.85
N THR B 59 -8.89 7.74 -5.04
CA THR B 59 -9.83 7.26 -6.03
C THR B 59 -9.10 6.91 -7.32
N LEU B 60 -9.76 6.16 -8.19
CA LEU B 60 -9.27 5.91 -9.54
C LEU B 60 -10.27 6.46 -10.54
N GLN B 61 -9.77 7.23 -11.50
CA GLN B 61 -10.64 7.89 -12.47
C GLN B 61 -10.24 7.53 -13.90
N ASN B 62 -11.22 7.11 -14.70
CA ASN B 62 -10.95 6.77 -16.09
C ASN B 62 -10.65 8.00 -16.92
N VAL B 63 -9.53 7.93 -17.65
CA VAL B 63 -9.10 9.05 -18.46
C VAL B 63 -10.11 9.33 -19.58
N LYS B 64 -10.61 8.28 -20.22
CA LYS B 64 -11.52 8.46 -21.34
C LYS B 64 -12.87 9.05 -20.91
N SER B 65 -13.48 8.46 -19.89
CA SER B 65 -14.84 8.82 -19.48
C SER B 65 -14.91 9.94 -18.47
N GLY B 66 -13.87 10.10 -17.66
CA GLY B 66 -13.93 11.02 -16.55
C GLY B 66 -14.66 10.45 -15.35
N THR B 67 -15.28 9.28 -15.51
CA THR B 67 -15.97 8.65 -14.39
C THR B 67 -15.00 7.81 -13.57
N TYR B 68 -15.45 7.38 -12.40
CA TYR B 68 -14.53 6.81 -11.42
C TYR B 68 -14.77 5.33 -11.23
N VAL B 69 -13.75 4.63 -10.74
CA VAL B 69 -13.98 3.27 -10.27
C VAL B 69 -15.05 3.33 -9.17
N GLY B 70 -16.16 2.65 -9.39
CA GLY B 70 -17.25 2.65 -8.45
C GLY B 70 -17.87 1.27 -8.28
N THR B 71 -19.13 1.24 -7.86
CA THR B 71 -19.80 -0.03 -7.64
C THR B 71 -21.22 -0.10 -8.23
N ALA B 72 -21.64 -1.31 -8.59
CA ALA B 72 -22.94 -1.52 -9.21
C ALA B 72 -24.06 -1.58 -8.16
N SER B 73 -23.72 -2.00 -6.95
CA SER B 73 -24.66 -2.02 -5.83
C SER B 73 -23.88 -2.07 -4.53
N ASN B 74 -24.59 -2.21 -3.41
CA ASN B 74 -23.96 -2.30 -2.10
C ASN B 74 -22.82 -3.28 -2.12
N ILE B 75 -21.64 -2.82 -1.73
CA ILE B 75 -20.44 -3.65 -1.89
C ILE B 75 -20.48 -4.91 -1.03
N GLN B 76 -20.42 -6.06 -1.71
CA GLN B 76 -20.31 -7.37 -1.08
C GLN B 76 -19.74 -8.31 -2.14
N ASN B 77 -19.53 -9.58 -1.80
CA ASN B 77 -18.96 -10.51 -2.79
C ASN B 77 -19.68 -10.50 -4.13
N SER B 78 -18.89 -10.52 -5.21
CA SER B 78 -19.40 -10.65 -6.58
C SER B 78 -20.12 -9.43 -7.13
N VAL B 79 -20.16 -8.34 -6.37
CA VAL B 79 -20.71 -7.09 -6.90
C VAL B 79 -19.79 -6.53 -7.99
N ASN B 80 -20.37 -6.17 -9.12
CA ASN B 80 -19.60 -5.62 -10.23
C ASN B 80 -18.89 -4.31 -9.89
N VAL B 81 -17.66 -4.16 -10.35
CA VAL B 81 -16.98 -2.87 -10.28
C VAL B 81 -17.43 -2.13 -11.54
N VAL B 82 -17.77 -0.85 -11.42
CA VAL B 82 -18.34 -0.11 -12.55
C VAL B 82 -17.89 1.35 -12.58
N GLY B 83 -17.94 1.96 -13.75
CA GLY B 83 -17.65 3.36 -13.91
C GLY B 83 -18.83 4.10 -13.33
N SER B 84 -18.57 5.14 -12.56
CA SER B 84 -19.63 5.77 -11.82
C SER B 84 -19.24 7.22 -11.55
N THR B 85 -20.25 8.08 -11.40
CA THR B 85 -19.99 9.46 -11.04
C THR B 85 -19.67 9.49 -9.55
N THR B 86 -19.91 8.37 -8.86
CA THR B 86 -19.60 8.25 -7.45
C THR B 86 -18.45 7.27 -7.23
N ALA B 87 -17.30 7.80 -6.88
CA ALA B 87 -16.11 7.00 -6.65
C ALA B 87 -16.24 6.23 -5.34
N VAL B 88 -15.89 4.95 -5.39
CA VAL B 88 -15.67 4.17 -4.20
C VAL B 88 -14.25 4.48 -3.74
N PRO B 89 -14.09 5.02 -2.52
CA PRO B 89 -12.74 5.30 -2.02
C PRO B 89 -11.94 4.02 -1.85
N LEU B 90 -10.67 4.05 -2.24
CA LEU B 90 -9.80 2.87 -2.23
C LEU B 90 -8.58 3.03 -1.33
N ASP B 91 -8.03 1.89 -0.91
CA ASP B 91 -6.68 1.85 -0.32
C ASP B 91 -5.78 1.02 -1.23
N ILE B 92 -4.58 1.53 -1.54
CA ILE B 92 -3.63 0.79 -2.36
C ILE B 92 -2.57 0.14 -1.46
N VAL B 93 -2.61 -1.19 -1.39
CA VAL B 93 -1.79 -1.95 -0.44
C VAL B 93 -0.71 -2.78 -1.15
N ALA B 94 0.53 -2.71 -0.67
CA ALA B 94 1.60 -3.47 -1.31
C ALA B 94 1.42 -4.98 -1.14
N ALA B 95 1.43 -5.68 -2.27
CA ALA B 95 1.31 -7.13 -2.30
C ALA B 95 2.62 -7.78 -2.75
N ASP B 96 2.71 -9.10 -2.59
CA ASP B 96 3.93 -9.81 -2.99
C ASP B 96 4.24 -9.61 -4.49
N LYS B 97 3.18 -9.45 -5.29
CA LYS B 97 3.30 -8.97 -6.67
C LYS B 97 2.33 -7.82 -6.90
N GLY B 98 2.85 -6.67 -7.32
CA GLY B 98 2.02 -5.50 -7.53
C GLY B 98 1.34 -5.02 -6.27
N PHE B 99 0.11 -4.52 -6.41
CA PHE B 99 -0.63 -3.97 -5.29
C PHE B 99 -2.05 -4.52 -5.23
N ALA B 100 -2.59 -4.62 -4.02
CA ALA B 100 -4.03 -4.85 -3.83
C ALA B 100 -4.76 -3.51 -3.81
N ILE B 101 -5.98 -3.50 -4.32
CA ILE B 101 -6.81 -2.32 -4.31
C ILE B 101 -8.06 -2.63 -3.46
N GLU B 102 -8.05 -2.21 -2.19
CA GLU B 102 -9.17 -2.46 -1.28
C GLU B 102 -10.18 -1.35 -1.31
N ALA B 103 -11.44 -1.68 -1.08
CA ALA B 103 -12.47 -0.66 -0.87
C ALA B 103 -12.26 -0.10 0.55
N ALA B 104 -11.95 1.18 0.66
CA ALA B 104 -11.51 1.74 1.93
C ALA B 104 -12.55 1.71 3.05
N ASP B 105 -13.83 1.68 2.70
CA ASP B 105 -14.87 1.61 3.71
C ASP B 105 -15.48 0.20 3.77
N HIS B 106 -14.88 -0.73 3.02
CA HIS B 106 -15.26 -2.13 3.06
C HIS B 106 -14.00 -2.95 2.85
N ARG B 107 -13.10 -2.89 3.83
CA ARG B 107 -11.72 -3.33 3.64
C ARG B 107 -11.55 -4.84 3.41
N LEU B 108 -12.60 -5.62 3.65
CA LEU B 108 -12.53 -7.05 3.34
C LEU B 108 -12.52 -7.32 1.84
N PHE B 109 -13.01 -6.35 1.07
CA PHE B 109 -13.18 -6.57 -0.37
C PHE B 109 -12.15 -5.83 -1.21
N VAL B 110 -11.62 -6.52 -2.23
CA VAL B 110 -10.68 -5.92 -3.18
C VAL B 110 -11.18 -6.00 -4.61
N LEU B 111 -10.57 -5.23 -5.51
CA LEU B 111 -10.83 -5.35 -6.94
C LEU B 111 -10.32 -6.72 -7.41
N ASP B 112 -11.19 -7.47 -8.08
CA ASP B 112 -10.91 -8.86 -8.41
C ASP B 112 -11.21 -9.13 -9.88
N LEU B 113 -10.21 -9.55 -10.63
CA LEU B 113 -10.42 -10.04 -11.99
C LEU B 113 -10.95 -11.47 -11.90
N LYS B 114 -12.25 -11.60 -12.13
CA LYS B 114 -13.01 -12.81 -11.87
C LYS B 114 -12.40 -14.11 -12.40
N GLU B 115 -12.07 -15.01 -11.46
CA GLU B 115 -11.55 -16.34 -11.75
C GLU B 115 -10.24 -16.34 -12.53
N SER B 116 -9.45 -15.28 -12.36
CA SER B 116 -8.19 -15.11 -13.09
C SER B 116 -8.36 -15.29 -14.60
N ASN B 117 -9.53 -14.92 -15.13
CA ASN B 117 -9.82 -15.20 -16.53
C ASN B 117 -9.21 -14.15 -17.45
N PRO B 118 -8.28 -14.58 -18.35
CA PRO B 118 -7.63 -13.65 -19.26
C PRO B 118 -8.50 -13.20 -20.44
N ALA B 119 -9.68 -13.77 -20.62
CA ALA B 119 -10.52 -13.38 -21.76
C ALA B 119 -10.95 -11.92 -21.64
N ASN B 120 -11.05 -11.26 -22.78
CA ASN B 120 -11.59 -9.90 -22.84
C ASN B 120 -12.98 -9.85 -22.22
N GLU B 121 -13.28 -8.73 -21.56
CA GLU B 121 -14.59 -8.49 -20.96
C GLU B 121 -14.87 -9.39 -19.75
N THR B 122 -13.86 -10.10 -19.25
CA THR B 122 -14.01 -10.72 -17.94
C THR B 122 -14.32 -9.64 -16.91
N PRO B 123 -15.39 -9.84 -16.13
CA PRO B 123 -15.79 -8.89 -15.10
C PRO B 123 -14.72 -8.67 -14.05
N VAL B 124 -14.54 -7.42 -13.64
CA VAL B 124 -13.84 -7.13 -12.40
C VAL B 124 -14.90 -6.92 -11.33
N ILE B 125 -14.73 -7.57 -10.19
CA ILE B 125 -15.74 -7.59 -9.16
C ILE B 125 -15.13 -7.31 -7.81
N TYR B 126 -15.98 -6.95 -6.86
CA TYR B 126 -15.60 -6.86 -5.46
C TYR B 126 -15.64 -8.28 -4.91
N TYR B 127 -14.63 -8.65 -4.13
CA TYR B 127 -14.50 -10.01 -3.62
C TYR B 127 -13.64 -10.00 -2.38
N ASN B 128 -13.87 -10.97 -1.52
CA ASN B 128 -13.06 -11.18 -0.33
C ASN B 128 -11.58 -11.33 -0.69
N ASN B 129 -10.73 -10.58 0.02
CA ASN B 129 -9.31 -10.55 -0.26
C ASN B 129 -8.61 -11.81 0.25
N ASN B 130 -8.16 -12.66 -0.68
CA ASN B 130 -7.51 -13.94 -0.39
C ASN B 130 -6.04 -13.87 -0.81
N ALA B 131 -5.69 -12.65 -1.22
CA ALA B 131 -4.39 -12.35 -1.79
C ALA B 131 -4.01 -13.37 -2.85
N THR B 132 -4.95 -13.68 -3.74
CA THR B 132 -4.62 -14.47 -4.91
C THR B 132 -4.16 -13.52 -6.02
N ASP B 133 -3.38 -14.05 -6.96
CA ASP B 133 -2.77 -13.21 -8.00
C ASP B 133 -3.76 -12.38 -8.82
N ASN B 134 -4.96 -12.91 -9.06
CA ASN B 134 -5.97 -12.15 -9.81
C ASN B 134 -6.53 -10.96 -9.02
N GLN B 135 -6.10 -10.83 -7.77
CA GLN B 135 -6.53 -9.74 -6.89
C GLN B 135 -5.38 -8.75 -6.66
N LYS B 136 -4.38 -8.82 -7.53
CA LYS B 136 -3.21 -7.96 -7.51
C LYS B 136 -3.05 -7.25 -8.85
N TRP B 137 -2.59 -6.00 -8.82
CA TRP B 137 -2.51 -5.15 -9.99
C TRP B 137 -1.12 -4.48 -10.06
N LYS B 138 -0.48 -4.57 -11.22
CA LYS B 138 0.76 -3.83 -11.42
C LYS B 138 0.37 -2.41 -11.78
N PHE B 139 0.97 -1.45 -11.11
CA PHE B 139 0.77 -0.05 -11.45
C PHE B 139 1.88 0.42 -12.39
N ILE B 140 1.51 0.64 -13.65
CA ILE B 140 2.42 1.13 -14.66
C ILE B 140 2.20 2.64 -14.89
N ASP B 141 3.13 3.43 -14.39
CA ASP B 141 3.05 4.89 -14.43
C ASP B 141 3.22 5.43 -15.85
N GLU B 142 2.37 6.38 -16.24
CA GLU B 142 2.64 7.14 -17.44
C GLU B 142 3.35 8.42 -17.01
N LYS B 143 4.51 8.69 -17.59
CA LYS B 143 5.36 9.77 -17.11
C LYS B 143 4.86 11.16 -17.50
C1 NGA C . 24.89 4.46 17.05
C2 NGA C . 24.33 4.19 15.67
C3 NGA C . 23.02 4.95 15.44
C4 NGA C . 22.06 4.80 16.63
C5 NGA C . 22.81 5.05 17.95
C6 NGA C . 21.93 4.76 19.15
C7 NGA C . 25.94 3.82 13.87
C8 NGA C . 26.97 4.44 12.98
N2 NGA C . 25.31 4.64 14.70
O1 NGA C . 25.99 3.61 17.25
O3 NGA C . 22.46 4.56 14.20
O4 NGA C . 21.45 3.53 16.65
O5 NGA C . 23.93 4.21 18.05
O6 NGA C . 20.89 5.73 19.24
O7 NGA C . 25.70 2.60 13.84
C1 NGA D . 2.10 14.15 18.69
C2 NGA D . 2.10 12.63 18.77
C3 NGA D . 2.90 12.05 17.60
C4 NGA D . 2.53 12.69 16.25
C5 NGA D . 2.39 14.21 16.40
C6 NGA D . 2.02 14.95 15.10
C7 NGA D . 2.27 11.29 20.81
C8 NGA D . 2.51 11.43 22.28
N2 NGA D . 2.71 12.28 20.03
O1 NGA D . 1.35 14.67 19.75
O3 NGA D . 2.77 10.67 17.52
O4 NGA D . 1.42 12.04 15.65
O5 NGA D . 1.53 14.55 17.46
O6 NGA D . 3.27 15.31 14.54
O7 NGA D . 1.71 10.30 20.36
C1 NGA E . -13.89 -1.07 -27.13
C2 NGA E . -12.74 -0.62 -26.23
C3 NGA E . -12.25 -1.80 -25.42
C4 NGA E . -13.44 -2.39 -24.63
C5 NGA E . -14.56 -2.75 -25.60
C6 NGA E . -15.80 -3.19 -24.86
C7 NGA E . -11.35 1.16 -27.09
C8 NGA E . -10.10 1.49 -27.86
N2 NGA E . -11.66 -0.13 -27.06
O1 NGA E . -14.39 0.06 -27.84
O3 NGA E . -11.20 -1.40 -24.59
O4 NGA E . -13.92 -1.49 -23.65
O5 NGA E . -14.93 -1.63 -26.37
O6 NGA E . -15.55 -4.32 -24.07
O7 NGA E . -12.03 2.03 -26.52
#